data_4AOU
#
_entry.id   4AOU
#
_cell.length_a   129.200
_cell.length_b   129.200
_cell.length_c   60.590
_cell.angle_alpha   90.00
_cell.angle_beta   90.00
_cell.angle_gamma   120.00
#
_symmetry.space_group_name_H-M   'P 32 2 1'
#
loop_
_entity.id
_entity.type
_entity.pdbx_description
1 polymer 'ISOCITRATE DEHYDROGENASE [NADP]'
2 non-polymer 'ISOCITRIC ACID'
3 non-polymer 'MAGNESIUM ION'
4 non-polymer 'NADP NICOTINAMIDE-ADENINE-DINUCLEOTIDE PHOSPHATE'
5 water water
#
_entity_poly.entity_id   1
_entity_poly.type   'polypeptide(L)'
_entity_poly.pdbx_seq_one_letter_code
;MSKIKMKVPLVEMDGDEMTRIIWRLIKENLLEPYIELNTEYYDLGLENRDKTEDQVTIDAARAIQKYGVGVKCATITPNA
QRVEEYNLKKMWKSPNGTIRAILDGTVFRAPIVVNSIKPFVKGWKKPISIARHAYGDVYKNVEYYVPSAGKAELVFTSEN
GEVSRQTIHEFDGPGVIMGMHNTDKSIRSFARACFNYALDMNQDLWFSTKDTISKTYDHRFKDIFQEIYENEYKEKFEAK
NLQYFYTLIDDAVARIIRSEGGMVWACKNYDGDVMSDMVASAFGSLAMMTSVLVSPDGKYEFEAAHGTVTRHYYKHLKGE
ETSTNSMATIFAWTGALKKRGELDGIKELVDFATKLEQASVQTIENGVMTKDLASLSEVPEKKIVNTEDFLKEIRKTFEG
MA
;
_entity_poly.pdbx_strand_id   A
#
# COMPACT_ATOMS: atom_id res chain seq x y z
N SER A 2 8.01 -16.40 -29.27
CA SER A 2 6.53 -16.37 -28.95
C SER A 2 6.26 -15.84 -27.54
N LYS A 3 5.46 -14.80 -27.40
CA LYS A 3 5.18 -14.25 -26.07
C LYS A 3 4.38 -15.19 -25.16
N ILE A 4 4.62 -15.11 -23.86
CA ILE A 4 3.76 -15.78 -22.88
C ILE A 4 2.25 -15.44 -22.96
N LYS A 5 1.40 -16.44 -22.77
CA LYS A 5 -0.04 -16.24 -22.98
C LYS A 5 -0.74 -16.21 -21.68
N MET A 6 -1.77 -15.38 -21.55
CA MET A 6 -2.49 -15.29 -20.28
C MET A 6 -3.92 -15.84 -20.38
N LYS A 7 -4.47 -16.35 -19.27
CA LYS A 7 -5.87 -16.79 -19.23
C LYS A 7 -6.81 -15.70 -18.70
N VAL A 8 -7.13 -15.73 -17.40
CA VAL A 8 -7.94 -14.65 -16.79
C VAL A 8 -7.25 -13.25 -16.87
N PRO A 9 -8.04 -12.23 -17.18
CA PRO A 9 -7.48 -10.88 -17.20
C PRO A 9 -7.14 -10.31 -15.81
N LEU A 10 -6.04 -9.54 -15.84
CA LEU A 10 -5.63 -8.67 -14.78
C LEU A 10 -6.54 -7.44 -14.85
N VAL A 11 -7.03 -6.94 -13.73
CA VAL A 11 -7.66 -5.65 -13.72
C VAL A 11 -6.54 -4.62 -13.62
N GLU A 12 -6.45 -3.73 -14.59
CA GLU A 12 -5.39 -2.72 -14.64
C GLU A 12 -5.98 -1.34 -14.41
N MET A 13 -5.49 -0.61 -13.41
CA MET A 13 -6.06 0.67 -13.08
C MET A 13 -4.99 1.71 -13.26
N ASP A 14 -5.20 2.63 -14.20
CA ASP A 14 -4.16 3.58 -14.62
C ASP A 14 -4.12 4.74 -13.69
N GLY A 15 -3.00 5.45 -13.63
CA GLY A 15 -2.85 6.50 -12.64
C GLY A 15 -2.52 7.89 -13.15
N ASP A 16 -1.80 8.63 -12.31
CA ASP A 16 -1.53 10.06 -12.52
C ASP A 16 -0.04 10.40 -12.61
N GLU A 17 0.24 11.52 -13.29
CA GLU A 17 1.54 12.19 -13.20
C GLU A 17 2.69 11.24 -13.36
N MET A 18 3.65 11.25 -12.46
CA MET A 18 4.85 10.52 -12.78
C MET A 18 4.62 8.99 -12.85
N THR A 19 3.65 8.48 -12.10
CA THR A 19 3.57 7.06 -12.10
C THR A 19 2.88 6.64 -13.38
N ARG A 20 2.02 7.52 -13.89
CA ARG A 20 1.32 7.30 -15.14
C ARG A 20 2.33 7.16 -16.29
N ILE A 21 3.29 8.07 -16.34
CA ILE A 21 4.37 7.94 -17.28
C ILE A 21 5.09 6.59 -17.09
N ILE A 22 5.43 6.25 -15.86
CA ILE A 22 6.29 5.06 -15.64
C ILE A 22 5.52 3.74 -15.91
N TRP A 23 4.25 3.77 -15.57
CA TRP A 23 3.39 2.66 -15.83
C TRP A 23 3.47 2.27 -17.32
N ARG A 24 3.42 3.25 -18.20
CA ARG A 24 3.54 2.99 -19.63
C ARG A 24 4.95 2.44 -20.00
N LEU A 25 6.02 3.08 -19.53
CA LEU A 25 7.37 2.57 -19.81
C LEU A 25 7.57 1.13 -19.32
N ILE A 26 6.92 0.76 -18.21
CA ILE A 26 7.10 -0.58 -17.68
C ILE A 26 6.37 -1.56 -18.58
N LYS A 27 5.11 -1.26 -18.91
CA LYS A 27 4.44 -2.12 -19.86
C LYS A 27 5.29 -2.30 -21.13
N GLU A 28 5.78 -1.21 -21.69
CA GLU A 28 6.27 -1.34 -23.06
C GLU A 28 7.63 -1.97 -23.17
N ASN A 29 8.51 -1.67 -22.21
CA ASN A 29 9.87 -2.24 -22.15
C ASN A 29 10.06 -3.58 -21.41
N LEU A 30 9.26 -3.81 -20.37
CA LEU A 30 9.48 -4.97 -19.51
C LEU A 30 8.34 -6.00 -19.56
N LEU A 31 7.16 -5.60 -20.03
CA LEU A 31 6.05 -6.56 -20.06
C LEU A 31 5.61 -6.97 -21.46
N GLU A 32 4.98 -6.06 -22.19
CA GLU A 32 4.55 -6.37 -23.56
C GLU A 32 5.57 -7.11 -24.46
N PRO A 33 6.88 -6.91 -24.27
CA PRO A 33 7.66 -7.71 -25.28
C PRO A 33 7.72 -9.20 -24.96
N TYR A 34 7.23 -9.59 -23.78
CA TYR A 34 7.34 -10.96 -23.37
C TYR A 34 6.00 -11.60 -23.09
N ILE A 35 4.97 -10.79 -22.85
CA ILE A 35 3.69 -11.36 -22.48
C ILE A 35 2.65 -10.72 -23.39
N GLU A 36 1.72 -11.51 -23.96
CA GLU A 36 0.57 -10.92 -24.63
C GLU A 36 -0.30 -10.52 -23.46
N LEU A 37 -0.14 -9.27 -23.06
CA LEU A 37 -0.78 -8.78 -21.86
C LEU A 37 -2.31 -8.78 -21.95
N ASN A 38 -2.94 -9.59 -21.12
CA ASN A 38 -4.42 -9.55 -21.08
C ASN A 38 -4.85 -8.79 -19.84
N THR A 39 -5.44 -7.63 -20.03
CA THR A 39 -5.94 -6.88 -18.89
C THR A 39 -7.25 -6.27 -19.27
N GLU A 40 -8.00 -5.89 -18.25
CA GLU A 40 -9.20 -5.10 -18.42
C GLU A 40 -8.88 -3.70 -17.91
N TYR A 41 -8.92 -2.71 -18.79
CA TYR A 41 -8.34 -1.41 -18.48
C TYR A 41 -9.35 -0.46 -17.83
N TYR A 42 -8.96 0.15 -16.72
CA TYR A 42 -9.73 1.19 -16.11
C TYR A 42 -8.76 2.30 -15.91
N ASP A 43 -9.17 3.51 -16.28
CA ASP A 43 -8.32 4.63 -16.16
C ASP A 43 -8.70 5.40 -14.92
N LEU A 44 -7.87 5.27 -13.89
CA LEU A 44 -8.13 5.97 -12.65
C LEU A 44 -7.34 7.27 -12.63
N GLY A 45 -6.75 7.65 -13.76
CA GLY A 45 -6.23 9.01 -13.89
C GLY A 45 -7.24 10.00 -13.32
N LEU A 46 -6.77 11.12 -12.77
CA LEU A 46 -7.68 12.12 -12.18
C LEU A 46 -8.63 12.66 -13.23
N GLU A 47 -8.14 12.84 -14.45
CA GLU A 47 -8.98 13.48 -15.44
C GLU A 47 -10.13 12.55 -15.75
N ASN A 48 -9.84 11.29 -15.97
CA ASN A 48 -10.93 10.34 -16.17
C ASN A 48 -11.82 10.12 -14.96
N ARG A 49 -11.28 10.11 -13.74
CA ARG A 49 -12.16 9.97 -12.60
C ARG A 49 -13.08 11.17 -12.60
N ASP A 50 -12.57 12.30 -13.05
CA ASP A 50 -13.40 13.49 -13.00
C ASP A 50 -14.50 13.44 -14.08
N LYS A 51 -14.16 12.97 -15.28
CA LYS A 51 -15.13 12.89 -16.37
C LYS A 51 -16.31 11.94 -16.09
N THR A 52 -16.05 10.90 -15.28
CA THR A 52 -17.02 9.85 -15.05
C THR A 52 -17.56 9.98 -13.62
N GLU A 53 -17.31 11.12 -13.02
CA GLU A 53 -17.71 11.32 -11.65
C GLU A 53 -17.43 10.12 -10.76
N ASP A 54 -16.18 9.68 -10.84
CA ASP A 54 -15.62 8.66 -9.96
C ASP A 54 -16.24 7.27 -10.13
N GLN A 55 -17.20 7.17 -11.03
CA GLN A 55 -17.74 5.86 -11.40
C GLN A 55 -16.63 4.85 -11.84
N VAL A 56 -15.60 5.29 -12.56
CA VAL A 56 -14.60 4.35 -13.01
C VAL A 56 -13.94 3.64 -11.82
N THR A 57 -13.72 4.38 -10.74
CA THR A 57 -13.12 3.80 -9.55
C THR A 57 -14.00 2.67 -9.08
N ILE A 58 -15.27 2.96 -8.90
CA ILE A 58 -16.20 1.91 -8.54
C ILE A 58 -16.18 0.70 -9.47
N ASP A 59 -16.30 0.91 -10.78
CA ASP A 59 -16.27 -0.22 -11.68
C ASP A 59 -14.99 -1.01 -11.53
N ALA A 60 -13.88 -0.37 -11.16
CA ALA A 60 -12.60 -1.08 -11.17
C ALA A 60 -12.52 -2.00 -9.95
N ALA A 61 -13.05 -1.50 -8.83
CA ALA A 61 -13.23 -2.32 -7.63
C ALA A 61 -14.01 -3.60 -7.94
N ARG A 62 -15.24 -3.43 -8.40
CA ARG A 62 -16.09 -4.55 -8.80
C ARG A 62 -15.35 -5.57 -9.69
N ALA A 63 -14.70 -5.07 -10.74
CA ALA A 63 -13.86 -5.93 -11.57
C ALA A 63 -12.77 -6.68 -10.74
N ILE A 64 -12.21 -6.06 -9.72
CA ILE A 64 -11.20 -6.84 -8.99
C ILE A 64 -11.91 -8.03 -8.34
N GLN A 65 -13.16 -7.79 -7.96
CA GLN A 65 -13.94 -8.80 -7.23
C GLN A 65 -14.33 -9.93 -8.14
N LYS A 66 -14.79 -9.54 -9.33
CA LYS A 66 -15.01 -10.47 -10.40
C LYS A 66 -13.75 -11.27 -10.79
N TYR A 67 -12.63 -10.64 -11.15
CA TYR A 67 -11.58 -11.47 -11.75
C TYR A 67 -10.58 -11.91 -10.71
N GLY A 68 -10.45 -11.15 -9.62
CA GLY A 68 -9.60 -11.56 -8.52
C GLY A 68 -8.22 -10.93 -8.28
N VAL A 69 -7.59 -10.32 -9.30
CA VAL A 69 -6.33 -9.60 -9.11
C VAL A 69 -6.32 -8.25 -9.80
N GLY A 70 -5.93 -7.21 -9.07
CA GLY A 70 -5.87 -5.86 -9.65
C GLY A 70 -4.41 -5.45 -9.55
N VAL A 71 -3.94 -4.63 -10.47
CA VAL A 71 -2.67 -3.93 -10.29
C VAL A 71 -3.01 -2.47 -10.51
N LYS A 72 -2.50 -1.57 -9.66
CA LYS A 72 -2.94 -0.16 -9.63
C LYS A 72 -1.80 0.86 -9.53
N CYS A 73 -1.84 1.85 -10.44
CA CYS A 73 -0.88 2.93 -10.51
C CYS A 73 -1.22 3.93 -9.44
N ALA A 74 -0.22 4.63 -8.91
CA ALA A 74 -0.43 5.67 -7.90
C ALA A 74 -1.30 6.75 -8.54
N THR A 75 -2.28 7.24 -7.82
CA THR A 75 -3.21 8.21 -8.38
C THR A 75 -3.24 9.45 -7.50
N ILE A 76 -3.72 10.57 -8.02
CA ILE A 76 -3.84 11.76 -7.18
C ILE A 76 -5.12 11.71 -6.34
N THR A 77 -5.01 11.99 -5.05
CA THR A 77 -6.20 12.24 -4.26
C THR A 77 -6.44 13.75 -4.07
N PRO A 78 -7.61 14.22 -4.51
CA PRO A 78 -7.86 15.66 -4.60
C PRO A 78 -7.97 16.42 -3.29
N ASN A 79 -7.52 17.67 -3.28
CA ASN A 79 -7.77 18.58 -2.17
C ASN A 79 -8.03 19.96 -2.76
N ALA A 80 -8.18 20.98 -1.93
CA ALA A 80 -8.49 22.30 -2.54
C ALA A 80 -7.50 22.62 -3.68
N GLN A 81 -6.19 22.44 -3.44
CA GLN A 81 -5.17 22.70 -4.48
C GLN A 81 -5.46 21.95 -5.82
N ARG A 82 -5.66 20.64 -5.72
CA ARG A 82 -5.87 19.83 -6.91
C ARG A 82 -7.20 20.15 -7.59
N VAL A 83 -8.21 20.53 -6.81
CA VAL A 83 -9.46 20.99 -7.41
C VAL A 83 -9.15 22.21 -8.32
N GLU A 84 -8.29 23.09 -7.85
CA GLU A 84 -8.00 24.27 -8.58
C GLU A 84 -7.17 23.83 -9.79
N GLU A 85 -6.12 23.05 -9.54
CA GLU A 85 -5.16 22.71 -10.60
C GLU A 85 -5.84 21.98 -11.74
N TYR A 86 -6.86 21.18 -11.44
CA TYR A 86 -7.45 20.34 -12.45
C TYR A 86 -8.90 20.74 -12.69
N ASN A 87 -9.38 21.80 -12.03
CA ASN A 87 -10.73 22.27 -12.32
C ASN A 87 -11.70 21.12 -12.16
N LEU A 88 -11.66 20.49 -10.99
CA LEU A 88 -12.48 19.33 -10.71
C LEU A 88 -13.91 19.73 -10.41
N LYS A 89 -14.86 18.89 -10.81
CA LYS A 89 -16.25 19.08 -10.39
C LYS A 89 -16.38 18.91 -8.88
N LYS A 90 -15.54 18.10 -8.26
CA LYS A 90 -15.53 18.06 -6.80
C LYS A 90 -14.25 17.48 -6.23
N MET A 91 -14.12 17.63 -4.92
CA MET A 91 -12.99 17.07 -4.28
C MET A 91 -13.17 15.56 -4.12
N TRP A 92 -12.95 14.80 -5.18
CA TRP A 92 -13.15 13.35 -5.09
C TRP A 92 -12.43 12.62 -3.98
N LYS A 93 -13.12 11.65 -3.37
CA LYS A 93 -12.51 10.79 -2.37
C LYS A 93 -11.35 9.95 -2.91
N SER A 94 -10.39 9.63 -2.04
CA SER A 94 -9.33 8.74 -2.42
C SER A 94 -9.84 7.57 -3.22
N PRO A 95 -9.30 7.37 -4.42
CA PRO A 95 -9.73 6.14 -5.05
C PRO A 95 -9.15 4.91 -4.32
N ASN A 96 -8.05 5.06 -3.60
CA ASN A 96 -7.56 3.91 -2.86
C ASN A 96 -8.45 3.61 -1.66
N GLY A 97 -8.96 4.67 -1.04
CA GLY A 97 -9.89 4.57 0.06
C GLY A 97 -11.10 3.80 -0.41
N THR A 98 -11.71 4.24 -1.49
CA THR A 98 -12.85 3.54 -2.06
C THR A 98 -12.55 2.05 -2.39
N ILE A 99 -11.51 1.76 -3.14
CA ILE A 99 -11.30 0.40 -3.52
C ILE A 99 -11.12 -0.44 -2.27
N ARG A 100 -10.32 0.07 -1.36
CA ARG A 100 -10.11 -0.58 -0.09
C ARG A 100 -11.44 -0.77 0.66
N ALA A 101 -12.33 0.21 0.64
CA ALA A 101 -13.58 0.09 1.40
C ALA A 101 -14.40 -1.06 0.80
N ILE A 102 -14.66 -0.97 -0.49
CA ILE A 102 -15.25 -2.07 -1.19
C ILE A 102 -14.54 -3.44 -0.95
N LEU A 103 -13.25 -3.58 -1.09
CA LEU A 103 -12.73 -4.94 -0.85
C LEU A 103 -12.56 -5.39 0.60
N ASP A 104 -12.42 -4.45 1.53
CA ASP A 104 -11.94 -4.79 2.88
C ASP A 104 -10.60 -5.49 2.79
N GLY A 105 -9.89 -5.63 3.89
CA GLY A 105 -8.73 -6.44 3.81
C GLY A 105 -7.56 -5.87 4.56
N THR A 106 -6.39 -6.32 4.17
CA THR A 106 -5.19 -5.86 4.81
C THR A 106 -4.10 -5.60 3.76
N VAL A 107 -3.57 -4.39 3.77
CA VAL A 107 -2.49 -4.02 2.92
C VAL A 107 -1.15 -4.42 3.55
N PHE A 108 -0.44 -5.35 2.91
CA PHE A 108 0.89 -5.76 3.33
C PHE A 108 1.96 -5.04 2.52
N ARG A 109 2.87 -4.40 3.27
CA ARG A 109 3.96 -3.66 2.69
C ARG A 109 5.25 -4.05 3.33
N ALA A 110 6.25 -4.25 2.50
CA ALA A 110 7.52 -4.71 2.93
C ALA A 110 8.66 -4.08 2.03
N PRO A 111 9.76 -3.67 2.65
CA PRO A 111 10.79 -3.13 1.75
C PRO A 111 11.22 -4.10 0.63
N ILE A 112 11.95 -3.58 -0.35
CA ILE A 112 12.55 -4.41 -1.37
C ILE A 112 13.99 -4.39 -1.01
N VAL A 113 14.48 -5.50 -0.49
CA VAL A 113 15.85 -5.51 0.03
C VAL A 113 16.89 -5.80 -1.02
N VAL A 114 18.02 -5.13 -0.91
CA VAL A 114 19.15 -5.52 -1.70
C VAL A 114 20.47 -5.49 -0.88
N ASN A 115 21.22 -6.58 -0.90
CA ASN A 115 22.46 -6.63 -0.11
C ASN A 115 23.18 -5.29 0.02
N SER A 116 23.47 -4.61 -1.08
CA SER A 116 24.43 -3.48 -1.05
C SER A 116 23.74 -2.14 -0.78
N ILE A 117 22.49 -2.22 -0.38
CA ILE A 117 21.74 -1.04 -0.02
C ILE A 117 21.46 -1.01 1.47
N LYS A 118 22.17 -0.11 2.13
CA LYS A 118 22.21 0.03 3.58
C LYS A 118 21.16 0.98 4.06
N PRO A 119 20.31 0.55 5.01
CA PRO A 119 19.20 1.38 5.50
C PRO A 119 19.70 2.63 6.22
N PHE A 120 18.88 3.67 6.27
CA PHE A 120 19.23 4.84 7.05
C PHE A 120 19.35 4.55 8.55
N VAL A 121 18.52 3.64 9.07
CA VAL A 121 18.51 3.33 10.51
C VAL A 121 19.55 2.28 10.80
N LYS A 122 20.60 2.68 11.50
CA LYS A 122 21.66 1.74 11.86
C LYS A 122 21.01 0.57 12.59
N GLY A 123 21.46 -0.64 12.27
CA GLY A 123 21.01 -1.81 12.96
C GLY A 123 19.75 -2.45 12.37
N TRP A 124 19.12 -1.82 11.40
CA TRP A 124 18.08 -2.55 10.70
C TRP A 124 18.71 -3.64 9.86
N LYS A 125 18.71 -4.87 10.38
CA LYS A 125 19.35 -5.97 9.67
C LYS A 125 18.37 -6.82 8.85
N LYS A 126 17.08 -6.78 9.14
CA LYS A 126 16.16 -7.60 8.36
C LYS A 126 14.93 -6.77 8.08
N PRO A 127 14.21 -7.08 6.99
CA PRO A 127 13.01 -6.35 6.59
C PRO A 127 12.01 -6.15 7.72
N ILE A 128 11.29 -5.02 7.71
CA ILE A 128 10.18 -4.85 8.60
C ILE A 128 8.99 -4.74 7.71
N SER A 129 7.95 -5.50 7.99
CA SER A 129 6.77 -5.49 7.18
C SER A 129 5.66 -4.73 7.86
N ILE A 130 4.88 -3.95 7.11
CA ILE A 130 3.67 -3.39 7.70
C ILE A 130 2.48 -4.18 7.25
N ALA A 131 1.54 -4.37 8.17
CA ALA A 131 0.30 -5.03 7.83
C ALA A 131 -0.75 -4.04 8.20
N ARG A 132 -1.26 -3.31 7.23
CA ARG A 132 -2.08 -2.14 7.46
C ARG A 132 -3.54 -2.49 7.25
N HIS A 133 -4.37 -2.20 8.23
CA HIS A 133 -5.79 -2.47 8.08
C HIS A 133 -6.36 -1.60 6.98
N ALA A 134 -6.91 -2.24 5.95
CA ALA A 134 -7.38 -1.54 4.74
C ALA A 134 -8.70 -0.83 4.89
N TYR A 135 -9.36 -0.93 6.05
CA TYR A 135 -10.76 -0.50 6.10
C TYR A 135 -11.11 0.50 7.18
N GLY A 136 -11.91 1.50 6.85
CA GLY A 136 -12.51 2.30 7.87
C GLY A 136 -11.63 3.32 8.55
N ASP A 137 -12.05 3.67 9.78
CA ASP A 137 -11.44 4.76 10.52
C ASP A 137 -11.49 5.98 9.60
N VAL A 138 -10.40 6.77 9.57
CA VAL A 138 -10.45 8.10 9.01
C VAL A 138 -10.68 8.10 7.49
N TYR A 139 -10.33 6.99 6.87
CA TYR A 139 -10.56 6.77 5.45
C TYR A 139 -12.02 6.65 5.09
N LYS A 140 -12.88 6.64 6.11
CA LYS A 140 -14.29 6.61 5.87
C LYS A 140 -15.00 7.62 6.77
N ASN A 141 -14.24 8.61 7.24
CA ASN A 141 -14.80 9.67 8.07
C ASN A 141 -15.95 10.41 7.41
N VAL A 142 -16.71 11.09 8.26
CA VAL A 142 -17.48 12.25 7.86
C VAL A 142 -16.99 13.37 8.77
N GLU A 143 -16.88 14.58 8.20
CA GLU A 143 -16.34 15.71 8.89
C GLU A 143 -17.29 16.87 8.69
N TYR A 144 -17.15 17.92 9.48
CA TYR A 144 -18.03 19.03 9.32
C TYR A 144 -17.36 20.26 9.87
N TYR A 145 -17.40 21.35 9.12
CA TYR A 145 -16.91 22.60 9.66
C TYR A 145 -18.04 23.25 10.46
N VAL A 146 -17.77 23.63 11.70
CA VAL A 146 -18.77 24.36 12.47
C VAL A 146 -18.50 25.84 12.38
N PRO A 147 -19.53 26.59 12.01
CA PRO A 147 -19.43 27.99 11.56
C PRO A 147 -19.55 29.00 12.70
N SER A 148 -20.38 28.68 13.70
CA SER A 148 -20.26 29.33 15.01
C SER A 148 -21.03 28.53 16.05
N ALA A 149 -21.24 29.13 17.21
CA ALA A 149 -21.66 28.38 18.40
C ALA A 149 -22.78 27.38 18.23
N GLY A 150 -22.74 26.34 19.06
CA GLY A 150 -23.71 25.24 19.04
C GLY A 150 -23.16 23.97 19.69
N LYS A 151 -23.74 22.84 19.30
CA LYS A 151 -23.54 21.57 19.99
C LYS A 151 -23.25 20.37 19.06
N ALA A 152 -22.04 19.83 19.13
CA ALA A 152 -21.71 18.61 18.39
C ALA A 152 -21.96 17.32 19.19
N GLU A 153 -22.61 16.36 18.57
CA GLU A 153 -22.99 15.17 19.28
C GLU A 153 -22.66 13.95 18.44
N LEU A 154 -22.18 12.93 19.12
CA LEU A 154 -21.99 11.64 18.53
C LEU A 154 -23.25 10.87 18.90
N VAL A 155 -23.87 10.21 17.92
CA VAL A 155 -25.22 9.70 18.11
C VAL A 155 -25.43 8.31 17.54
N PHE A 156 -25.97 7.41 18.34
CA PHE A 156 -26.29 6.08 17.84
C PHE A 156 -27.75 5.69 18.04
N THR A 157 -28.31 5.11 16.99
CA THR A 157 -29.71 4.71 16.97
C THR A 157 -29.85 3.22 16.66
N SER A 158 -30.26 2.45 17.66
CA SER A 158 -30.42 1.00 17.49
C SER A 158 -31.40 0.68 16.35
N GLU A 159 -31.31 -0.55 15.82
CA GLU A 159 -32.33 -1.06 14.88
C GLU A 159 -33.67 -1.13 15.62
N ASN A 160 -33.59 -1.36 16.93
CA ASN A 160 -34.77 -1.36 17.83
C ASN A 160 -35.23 0.08 18.03
N GLY A 161 -35.20 0.55 19.27
CA GLY A 161 -35.62 1.92 19.51
C GLY A 161 -34.53 2.79 20.11
N GLU A 162 -33.80 2.24 21.09
CA GLU A 162 -32.86 3.02 21.92
C GLU A 162 -31.99 4.03 21.13
N VAL A 163 -31.88 5.25 21.63
CA VAL A 163 -30.84 6.15 21.13
C VAL A 163 -29.91 6.57 22.28
N SER A 164 -28.62 6.65 21.99
CA SER A 164 -27.69 7.30 22.90
C SER A 164 -27.00 8.49 22.20
N ARG A 165 -26.75 9.54 22.97
CA ARG A 165 -26.09 10.70 22.44
C ARG A 165 -24.94 11.00 23.37
N GLN A 166 -23.78 11.32 22.84
CA GLN A 166 -22.75 11.88 23.67
C GLN A 166 -22.36 13.21 23.09
N THR A 167 -21.91 14.11 23.95
CA THR A 167 -21.60 15.42 23.48
C THR A 167 -20.18 15.44 22.99
N ILE A 168 -19.98 15.81 21.72
CA ILE A 168 -18.63 15.95 21.24
C ILE A 168 -18.02 17.19 21.86
N HIS A 169 -18.71 18.31 21.77
CA HIS A 169 -18.18 19.59 22.28
C HIS A 169 -19.20 20.70 22.14
N GLU A 170 -19.09 21.71 23.02
CA GLU A 170 -19.89 22.93 22.99
C GLU A 170 -19.10 24.01 22.32
N PHE A 171 -19.37 24.33 21.06
CA PHE A 171 -18.60 25.41 20.53
C PHE A 171 -19.24 26.73 20.91
N ASP A 172 -18.42 27.70 21.29
CA ASP A 172 -18.78 29.10 21.15
C ASP A 172 -17.88 29.75 20.13
N GLY A 173 -17.63 29.05 19.03
CA GLY A 173 -16.73 29.54 18.00
C GLY A 173 -16.57 28.53 16.91
N PRO A 174 -16.11 28.99 15.74
CA PRO A 174 -15.87 28.11 14.58
C PRO A 174 -14.69 27.16 14.85
N GLY A 175 -14.84 25.90 14.46
CA GLY A 175 -13.84 24.84 14.57
C GLY A 175 -14.25 23.64 13.72
N VAL A 176 -13.71 22.45 13.99
CA VAL A 176 -14.04 21.26 13.17
C VAL A 176 -14.46 20.03 13.97
N ILE A 177 -15.24 19.16 13.35
CA ILE A 177 -15.60 17.90 13.97
C ILE A 177 -15.62 16.79 12.95
N MET A 178 -15.55 15.56 13.44
CA MET A 178 -15.39 14.43 12.60
C MET A 178 -15.88 13.26 13.37
N GLY A 179 -16.46 12.28 12.68
CA GLY A 179 -16.88 11.02 13.30
C GLY A 179 -16.42 9.92 12.38
N MET A 180 -16.23 8.72 12.91
CA MET A 180 -15.69 7.61 12.11
C MET A 180 -16.00 6.30 12.83
N HIS A 181 -15.70 5.17 12.20
CA HIS A 181 -16.16 3.91 12.72
C HIS A 181 -15.28 2.82 12.16
N ASN A 182 -15.29 1.67 12.82
CA ASN A 182 -14.86 0.43 12.20
C ASN A 182 -15.81 -0.64 12.74
N THR A 183 -15.75 -1.86 12.18
CA THR A 183 -16.71 -2.91 12.54
C THR A 183 -15.94 -4.09 13.06
N ASP A 184 -16.48 -4.79 14.06
CA ASP A 184 -15.80 -5.99 14.61
C ASP A 184 -15.52 -6.97 13.49
N LYS A 185 -16.44 -7.12 12.55
CA LYS A 185 -16.20 -8.11 11.50
C LYS A 185 -14.82 -7.79 10.92
N SER A 186 -14.65 -6.51 10.58
CA SER A 186 -13.49 -6.11 9.84
C SER A 186 -12.22 -6.20 10.66
N ILE A 187 -12.30 -5.77 11.93
CA ILE A 187 -11.16 -5.97 12.80
C ILE A 187 -10.80 -7.44 12.90
N ARG A 188 -11.83 -8.29 13.04
CA ARG A 188 -11.57 -9.71 13.15
C ARG A 188 -10.82 -10.19 11.91
N SER A 189 -11.22 -9.81 10.70
CA SER A 189 -10.42 -10.27 9.51
C SER A 189 -9.02 -9.70 9.51
N PHE A 190 -8.91 -8.44 9.91
CA PHE A 190 -7.62 -7.79 9.95
C PHE A 190 -6.69 -8.58 10.90
N ALA A 191 -7.18 -8.89 12.10
CA ALA A 191 -6.36 -9.67 13.05
C ALA A 191 -6.00 -11.05 12.53
N ARG A 192 -6.95 -11.80 11.95
CA ARG A 192 -6.50 -13.11 11.40
C ARG A 192 -5.49 -12.94 10.26
N ALA A 193 -5.71 -11.95 9.40
CA ALA A 193 -4.79 -11.73 8.30
C ALA A 193 -3.37 -11.45 8.83
N CYS A 194 -3.24 -10.70 9.92
CA CYS A 194 -1.89 -10.39 10.39
C CYS A 194 -1.20 -11.58 10.99
N PHE A 195 -1.97 -12.32 11.79
CA PHE A 195 -1.51 -13.61 12.35
C PHE A 195 -1.17 -14.61 11.27
N ASN A 196 -2.06 -14.80 10.30
CA ASN A 196 -1.68 -15.72 9.26
C ASN A 196 -0.34 -15.25 8.72
N TYR A 197 -0.27 -13.96 8.37
CA TYR A 197 0.84 -13.50 7.59
C TYR A 197 2.15 -13.66 8.32
N ALA A 198 2.19 -13.33 9.61
CA ALA A 198 3.42 -13.52 10.41
C ALA A 198 3.89 -15.00 10.46
N LEU A 199 2.93 -15.91 10.53
CA LEU A 199 3.29 -17.33 10.36
C LEU A 199 3.88 -17.56 8.97
N ASP A 200 3.07 -17.36 7.92
CA ASP A 200 3.59 -17.52 6.57
C ASP A 200 5.02 -16.96 6.52
N MET A 201 5.31 -15.87 7.23
CA MET A 201 6.67 -15.24 7.20
C MET A 201 7.61 -15.77 8.30
N ASN A 202 7.04 -16.44 9.31
CA ASN A 202 7.84 -16.99 10.39
C ASN A 202 8.48 -15.88 11.20
N GLN A 203 7.64 -14.96 11.68
CA GLN A 203 8.14 -13.88 12.54
C GLN A 203 7.12 -13.39 13.55
N ASP A 204 7.65 -12.70 14.54
CA ASP A 204 6.83 -12.14 15.54
C ASP A 204 5.88 -11.14 14.89
N LEU A 205 4.71 -11.04 15.45
CA LEU A 205 3.82 -10.03 15.02
C LEU A 205 3.79 -8.97 16.14
N TRP A 206 3.98 -7.71 15.77
CA TRP A 206 3.70 -6.61 16.71
C TRP A 206 2.38 -5.94 16.36
N PHE A 207 1.61 -5.57 17.37
CA PHE A 207 0.46 -4.75 17.09
C PHE A 207 0.40 -3.63 18.15
N SER A 208 -0.22 -2.50 17.82
CA SER A 208 -0.14 -1.33 18.71
C SER A 208 -1.18 -0.31 18.37
N THR A 209 -1.67 0.37 19.40
CA THR A 209 -2.62 1.41 19.20
C THR A 209 -2.48 2.29 20.42
N LYS A 210 -3.46 3.17 20.60
CA LYS A 210 -3.40 4.08 21.71
C LYS A 210 -4.65 3.80 22.61
N ASP A 211 -4.63 2.63 23.24
CA ASP A 211 -5.84 2.09 23.86
C ASP A 211 -6.12 2.83 25.17
N THR A 212 -5.06 3.37 25.76
CA THR A 212 -5.18 4.17 26.96
C THR A 212 -5.86 5.49 26.72
N ILE A 213 -5.87 5.97 25.49
CA ILE A 213 -6.52 7.26 25.27
C ILE A 213 -7.82 7.06 24.55
N SER A 214 -7.81 6.17 23.58
CA SER A 214 -9.02 5.82 22.85
C SER A 214 -9.51 4.52 23.49
N LYS A 215 -10.37 4.68 24.50
CA LYS A 215 -10.56 3.61 25.49
C LYS A 215 -11.58 2.56 25.04
N THR A 216 -12.42 2.88 24.06
CA THR A 216 -13.23 1.80 23.52
C THR A 216 -12.85 1.42 22.07
N TYR A 217 -12.90 2.39 21.16
CA TYR A 217 -12.46 2.20 19.75
C TYR A 217 -11.07 1.48 19.61
N ASP A 218 -9.97 2.15 19.90
CA ASP A 218 -8.65 1.47 19.90
C ASP A 218 -8.65 0.23 20.79
N HIS A 219 -9.28 0.36 21.96
CA HIS A 219 -9.31 -0.71 22.93
C HIS A 219 -9.97 -1.94 22.34
N ARG A 220 -10.97 -1.76 21.50
CA ARG A 220 -11.49 -2.90 20.76
C ARG A 220 -10.43 -3.62 19.92
N PHE A 221 -9.60 -2.87 19.18
CA PHE A 221 -8.64 -3.56 18.33
C PHE A 221 -7.75 -4.39 19.20
N LYS A 222 -7.35 -3.83 20.34
CA LYS A 222 -6.49 -4.53 21.32
C LYS A 222 -7.11 -5.84 21.77
N ASP A 223 -8.35 -5.75 22.19
CA ASP A 223 -9.03 -6.91 22.67
C ASP A 223 -9.10 -7.94 21.59
N ILE A 224 -9.70 -7.59 20.44
CA ILE A 224 -9.84 -8.60 19.36
C ILE A 224 -8.53 -9.28 18.94
N PHE A 225 -7.45 -8.51 18.85
CA PHE A 225 -6.19 -9.18 18.59
C PHE A 225 -5.85 -10.23 19.66
N GLN A 226 -5.99 -9.87 20.94
CA GLN A 226 -5.59 -10.72 22.08
C GLN A 226 -6.48 -11.93 22.08
N GLU A 227 -7.77 -11.72 21.80
CA GLU A 227 -8.68 -12.85 21.73
C GLU A 227 -8.21 -13.76 20.64
N ILE A 228 -8.25 -13.27 19.41
CA ILE A 228 -7.84 -14.11 18.29
C ILE A 228 -6.50 -14.78 18.57
N TYR A 229 -5.60 -14.13 19.28
CA TYR A 229 -4.33 -14.77 19.56
C TYR A 229 -4.46 -15.93 20.57
N GLU A 230 -5.03 -15.58 21.73
CA GLU A 230 -5.39 -16.53 22.81
C GLU A 230 -5.85 -17.85 22.25
N ASN A 231 -6.97 -17.84 21.53
CA ASN A 231 -7.55 -19.10 21.16
C ASN A 231 -7.63 -19.30 19.68
N GLU A 232 -6.55 -19.03 18.96
CA GLU A 232 -6.50 -19.30 17.53
C GLU A 232 -5.07 -19.28 17.01
N TYR A 233 -4.13 -18.69 17.73
CA TYR A 233 -2.78 -18.67 17.19
C TYR A 233 -1.71 -18.91 18.23
N LYS A 234 -2.05 -18.77 19.52
CA LYS A 234 -1.04 -18.96 20.57
C LYS A 234 -0.32 -20.24 20.28
N GLU A 235 -1.15 -21.24 20.06
CA GLU A 235 -0.76 -22.60 19.81
C GLU A 235 0.28 -22.63 18.68
N LYS A 236 -0.12 -22.18 17.47
CA LYS A 236 0.81 -22.19 16.30
C LYS A 236 2.02 -21.33 16.51
N PHE A 237 1.82 -20.21 17.19
CA PHE A 237 2.92 -19.30 17.50
C PHE A 237 3.98 -19.90 18.39
N GLU A 238 3.59 -20.29 19.62
CA GLU A 238 4.49 -20.95 20.59
C GLU A 238 5.20 -22.08 19.88
N ALA A 239 4.41 -22.82 19.10
CA ALA A 239 4.93 -23.84 18.20
C ALA A 239 6.19 -23.40 17.42
N LYS A 240 6.22 -22.18 16.88
CA LYS A 240 7.33 -21.78 15.97
C LYS A 240 8.32 -20.91 16.68
N ASN A 241 8.03 -20.69 17.97
CA ASN A 241 8.89 -19.87 18.79
C ASN A 241 8.85 -18.41 18.32
N LEU A 242 7.66 -17.90 18.02
CA LEU A 242 7.58 -16.52 17.67
C LEU A 242 6.46 -15.85 18.44
N GLN A 243 6.78 -14.69 19.01
CA GLN A 243 5.90 -14.13 20.02
C GLN A 243 4.96 -13.13 19.38
N TYR A 244 3.86 -12.83 20.07
CA TYR A 244 2.97 -11.78 19.67
C TYR A 244 3.14 -10.65 20.68
N PHE A 245 3.36 -9.44 20.15
CA PHE A 245 3.77 -8.33 20.95
C PHE A 245 2.88 -7.11 20.75
N TYR A 246 2.22 -6.72 21.83
CA TYR A 246 1.42 -5.56 21.84
C TYR A 246 1.93 -4.46 22.77
N THR A 247 1.97 -3.23 22.25
CA THR A 247 2.33 -2.07 23.06
C THR A 247 1.66 -0.85 22.48
N LEU A 248 1.69 0.24 23.25
CA LEU A 248 1.24 1.54 22.78
C LEU A 248 1.99 2.00 21.48
N ILE A 249 1.20 2.57 20.57
CA ILE A 249 1.69 3.01 19.28
C ILE A 249 2.92 3.92 19.45
N ASP A 250 2.93 4.82 20.43
CA ASP A 250 4.16 5.62 20.53
C ASP A 250 5.33 4.73 20.94
N ASP A 251 5.06 3.87 21.93
CA ASP A 251 6.09 2.93 22.35
C ASP A 251 6.58 2.06 21.16
N ALA A 252 5.63 1.50 20.41
CA ALA A 252 6.00 0.73 19.22
C ALA A 252 6.91 1.43 18.19
N VAL A 253 6.62 2.67 17.79
CA VAL A 253 7.58 3.28 16.85
C VAL A 253 8.93 3.33 17.49
N ALA A 254 8.95 3.71 18.76
CA ALA A 254 10.22 3.83 19.45
C ALA A 254 10.97 2.50 19.46
N ARG A 255 10.31 1.40 19.75
CA ARG A 255 11.08 0.12 19.79
C ARG A 255 11.46 -0.32 18.34
N ILE A 256 10.58 -0.10 17.37
CA ILE A 256 10.93 -0.36 15.98
C ILE A 256 12.27 0.29 15.57
N ILE A 257 12.40 1.58 15.83
CA ILE A 257 13.61 2.29 15.43
C ILE A 257 14.78 1.60 16.07
N ARG A 258 14.55 1.10 17.26
CA ARG A 258 15.63 0.59 18.08
C ARG A 258 15.89 -0.94 17.80
N SER A 259 14.92 -1.64 17.21
CA SER A 259 15.11 -3.06 16.84
C SER A 259 16.04 -3.35 15.64
N GLU A 260 16.25 -4.62 15.32
CA GLU A 260 17.02 -4.97 14.10
C GLU A 260 16.08 -5.27 12.91
N GLY A 261 14.80 -4.96 13.05
CA GLY A 261 13.80 -5.27 12.05
C GLY A 261 13.44 -6.75 12.13
N GLY A 262 12.67 -7.26 11.15
CA GLY A 262 12.44 -8.69 11.06
C GLY A 262 11.10 -9.11 11.63
N MET A 263 10.26 -8.15 11.96
CA MET A 263 8.95 -8.48 12.49
C MET A 263 7.94 -7.99 11.51
N VAL A 264 6.69 -8.39 11.70
CA VAL A 264 5.59 -7.87 10.93
C VAL A 264 4.93 -6.95 11.89
N TRP A 265 4.53 -5.77 11.40
CA TRP A 265 4.06 -4.74 12.26
C TRP A 265 2.68 -4.39 11.79
N ALA A 266 1.69 -4.83 12.55
CA ALA A 266 0.31 -4.54 12.19
C ALA A 266 -0.05 -3.14 12.69
N CYS A 267 -0.86 -2.42 11.91
CA CYS A 267 -1.21 -1.03 12.20
C CYS A 267 -2.61 -0.85 11.69
N LYS A 268 -3.38 -0.06 12.42
CA LYS A 268 -4.61 0.45 11.91
C LYS A 268 -4.38 1.28 10.64
N ASN A 269 -5.46 1.45 9.90
CA ASN A 269 -5.41 2.14 8.65
C ASN A 269 -4.47 3.39 8.61
N TYR A 270 -4.83 4.40 9.38
CA TYR A 270 -4.06 5.62 9.39
C TYR A 270 -2.61 5.36 9.74
N ASP A 271 -2.34 4.64 10.83
CA ASP A 271 -0.99 4.41 11.25
C ASP A 271 -0.19 3.63 10.24
N GLY A 272 -0.88 2.75 9.51
CA GLY A 272 -0.23 1.92 8.52
C GLY A 272 0.22 2.77 7.36
N ASP A 273 -0.56 3.80 7.06
CA ASP A 273 -0.17 4.76 6.03
C ASP A 273 1.14 5.44 6.42
N VAL A 274 1.13 6.06 7.58
CA VAL A 274 2.32 6.79 8.04
C VAL A 274 3.49 5.86 8.17
N MET A 275 3.29 4.75 8.88
CA MET A 275 4.43 3.86 9.13
C MET A 275 4.98 3.16 7.89
N SER A 276 4.13 2.87 6.90
CA SER A 276 4.72 2.32 5.64
C SER A 276 5.68 3.35 4.96
N ASP A 277 5.38 4.64 5.08
CA ASP A 277 6.33 5.68 4.60
C ASP A 277 7.56 5.80 5.45
N MET A 278 7.38 5.76 6.74
CA MET A 278 8.57 5.76 7.60
C MET A 278 9.49 4.60 7.28
N VAL A 279 8.90 3.41 7.15
CA VAL A 279 9.73 2.22 6.97
C VAL A 279 10.36 2.10 5.60
N ALA A 280 9.62 2.45 4.53
CA ALA A 280 10.24 2.41 3.21
C ALA A 280 11.40 3.43 3.13
N SER A 281 11.10 4.66 3.52
CA SER A 281 12.08 5.70 3.50
C SER A 281 13.30 5.22 4.27
N ALA A 282 13.07 4.79 5.51
CA ALA A 282 14.15 4.43 6.41
C ALA A 282 14.96 3.25 5.90
N PHE A 283 14.26 2.32 5.21
CA PHE A 283 14.97 1.25 4.52
C PHE A 283 15.75 1.71 3.31
N GLY A 284 15.38 2.84 2.73
CA GLY A 284 16.09 3.34 1.56
C GLY A 284 15.30 4.37 0.80
N SER A 285 14.21 3.95 0.19
CA SER A 285 13.39 4.88 -0.58
C SER A 285 11.93 4.44 -0.58
N LEU A 286 11.03 5.40 -0.67
CA LEU A 286 9.62 5.08 -0.81
C LEU A 286 9.38 4.12 -1.96
N ALA A 287 10.25 4.15 -2.97
CA ALA A 287 10.05 3.31 -4.16
C ALA A 287 10.42 1.87 -3.87
N MET A 288 11.19 1.61 -2.81
CA MET A 288 11.70 0.27 -2.59
C MET A 288 10.77 -0.42 -1.61
N MET A 289 9.51 -0.52 -1.97
CA MET A 289 8.57 -1.16 -1.10
C MET A 289 7.38 -1.72 -1.88
N THR A 290 7.05 -3.01 -1.71
CA THR A 290 5.83 -3.62 -2.28
C THR A 290 4.60 -3.33 -1.47
N SER A 291 3.45 -3.43 -2.07
CA SER A 291 2.20 -3.22 -1.35
C SER A 291 1.14 -4.07 -2.04
N VAL A 292 0.48 -4.90 -1.27
CA VAL A 292 -0.67 -5.60 -1.82
C VAL A 292 -1.82 -5.67 -0.84
N LEU A 293 -2.99 -5.26 -1.29
CA LEU A 293 -4.18 -5.42 -0.50
C LEU A 293 -4.59 -6.89 -0.68
N VAL A 294 -4.94 -7.58 0.38
CA VAL A 294 -5.52 -8.92 0.27
C VAL A 294 -6.84 -8.91 0.97
N SER A 295 -7.95 -9.04 0.23
CA SER A 295 -9.29 -9.02 0.87
C SER A 295 -9.58 -10.29 1.72
N PRO A 296 -10.48 -10.20 2.71
CA PRO A 296 -10.80 -11.39 3.54
C PRO A 296 -11.34 -12.49 2.62
N ASP A 297 -11.96 -12.03 1.55
CA ASP A 297 -12.63 -12.89 0.64
C ASP A 297 -11.66 -13.31 -0.55
N GLY A 298 -10.36 -13.11 -0.33
CA GLY A 298 -9.31 -13.69 -1.19
C GLY A 298 -8.88 -12.92 -2.45
N LYS A 299 -9.43 -11.74 -2.64
CA LYS A 299 -9.09 -10.91 -3.78
C LYS A 299 -7.79 -10.05 -3.58
N TYR A 300 -7.07 -9.74 -4.65
CA TYR A 300 -5.86 -8.97 -4.52
C TYR A 300 -5.78 -7.72 -5.40
N GLU A 301 -5.33 -6.63 -4.82
CA GLU A 301 -4.91 -5.48 -5.58
C GLU A 301 -3.41 -5.19 -5.34
N PHE A 302 -2.57 -5.21 -6.38
CA PHE A 302 -1.17 -4.85 -6.18
C PHE A 302 -1.00 -3.36 -6.47
N GLU A 303 -0.09 -2.68 -5.79
CA GLU A 303 0.16 -1.23 -6.03
C GLU A 303 1.56 -0.85 -5.68
N ALA A 304 1.95 0.37 -6.03
CA ALA A 304 3.09 1.00 -5.34
C ALA A 304 2.61 1.46 -3.93
N ALA A 305 3.52 1.56 -2.97
CA ALA A 305 3.13 2.22 -1.69
C ALA A 305 3.30 3.78 -1.69
N HIS A 306 4.15 4.31 -2.59
CA HIS A 306 4.40 5.74 -2.67
C HIS A 306 3.28 6.35 -3.49
N GLY A 307 3.26 7.67 -3.62
CA GLY A 307 2.22 8.29 -4.44
C GLY A 307 2.68 8.58 -5.87
N THR A 308 2.29 9.72 -6.44
CA THR A 308 2.50 9.92 -7.86
C THR A 308 3.77 10.70 -8.22
N VAL A 309 4.59 10.92 -7.22
CA VAL A 309 5.81 11.66 -7.42
C VAL A 309 5.58 12.99 -8.15
N THR A 310 4.53 13.73 -7.77
CA THR A 310 4.27 15.08 -8.28
C THR A 310 5.52 15.93 -8.56
N ARG A 311 6.38 16.04 -7.55
CA ARG A 311 7.57 16.87 -7.68
C ARG A 311 8.41 16.54 -8.88
N HIS A 312 8.56 15.24 -9.13
CA HIS A 312 9.37 14.79 -10.23
C HIS A 312 8.56 15.12 -11.49
N TYR A 313 7.25 14.96 -11.40
CA TYR A 313 6.40 15.19 -12.55
C TYR A 313 6.54 16.63 -13.06
N TYR A 314 6.38 17.57 -12.13
CA TYR A 314 6.60 18.99 -12.45
C TYR A 314 8.02 19.21 -13.05
N LYS A 315 9.03 18.60 -12.47
CA LYS A 315 10.33 18.79 -13.09
C LYS A 315 10.35 18.30 -14.55
N HIS A 316 9.60 17.23 -14.81
CA HIS A 316 9.62 16.58 -16.11
C HIS A 316 8.91 17.50 -17.10
N LEU A 317 7.89 18.19 -16.59
CA LEU A 317 7.08 19.14 -17.34
C LEU A 317 7.86 20.41 -17.71
N LYS A 318 8.74 20.85 -16.80
CA LYS A 318 9.69 21.92 -17.11
C LYS A 318 10.73 21.46 -18.14
N GLY A 319 10.63 20.24 -18.67
CA GLY A 319 11.70 19.71 -19.53
C GLY A 319 12.95 19.09 -18.88
N GLU A 320 13.11 19.12 -17.57
CA GLU A 320 14.23 18.39 -16.97
C GLU A 320 14.14 16.85 -17.10
N GLU A 321 15.27 16.17 -17.03
CA GLU A 321 15.18 14.74 -17.00
C GLU A 321 15.05 14.32 -15.55
N THR A 322 14.37 13.20 -15.35
CA THR A 322 14.13 12.70 -14.02
C THR A 322 14.96 11.47 -13.74
N SER A 323 15.15 11.18 -12.46
CA SER A 323 15.59 9.90 -12.08
C SER A 323 14.55 9.33 -11.05
N THR A 324 13.42 8.87 -11.57
CA THR A 324 12.37 8.31 -10.73
C THR A 324 12.45 6.80 -10.66
N ASN A 325 12.31 6.26 -9.45
CA ASN A 325 12.66 4.84 -9.21
C ASN A 325 11.41 4.03 -9.50
N SER A 326 11.49 3.14 -10.49
CA SER A 326 10.34 2.34 -10.87
C SER A 326 10.15 1.05 -10.02
N MET A 327 11.07 0.78 -9.10
CA MET A 327 11.02 -0.54 -8.51
C MET A 327 9.59 -0.85 -7.99
N ALA A 328 8.95 0.08 -7.32
CA ALA A 328 7.76 -0.37 -6.62
C ALA A 328 6.70 -0.65 -7.65
N THR A 329 6.69 0.03 -8.78
CA THR A 329 5.55 -0.25 -9.64
C THR A 329 5.84 -1.48 -10.54
N ILE A 330 7.13 -1.71 -10.83
CA ILE A 330 7.52 -2.97 -11.43
C ILE A 330 6.95 -4.09 -10.58
N PHE A 331 7.29 -4.04 -9.30
CA PHE A 331 6.96 -5.11 -8.41
C PHE A 331 5.46 -5.27 -8.23
N ALA A 332 4.70 -4.25 -8.52
CA ALA A 332 3.28 -4.36 -8.39
C ALA A 332 2.83 -5.23 -9.57
N TRP A 333 3.40 -4.93 -10.76
CA TRP A 333 3.05 -5.65 -11.95
C TRP A 333 3.49 -7.10 -11.80
N THR A 334 4.74 -7.35 -11.39
CA THR A 334 5.17 -8.73 -11.25
C THR A 334 4.42 -9.41 -10.09
N GLY A 335 4.11 -8.69 -9.01
CA GLY A 335 3.33 -9.32 -7.93
C GLY A 335 2.02 -9.82 -8.52
N ALA A 336 1.35 -8.96 -9.28
CA ALA A 336 0.05 -9.26 -9.83
C ALA A 336 0.15 -10.38 -10.86
N LEU A 337 1.20 -10.36 -11.68
CA LEU A 337 1.33 -11.34 -12.71
C LEU A 337 1.67 -12.67 -12.05
N LYS A 338 2.56 -12.65 -11.04
CA LYS A 338 2.88 -13.85 -10.28
C LYS A 338 1.57 -14.52 -9.78
N LYS A 339 0.69 -13.74 -9.14
CA LYS A 339 -0.53 -14.25 -8.59
C LYS A 339 -1.53 -14.72 -9.66
N ARG A 340 -1.57 -14.00 -10.76
CA ARG A 340 -2.46 -14.37 -11.85
C ARG A 340 -2.00 -15.79 -12.28
N GLY A 341 -0.72 -15.92 -12.56
CA GLY A 341 -0.15 -17.20 -12.91
C GLY A 341 -0.48 -18.31 -11.94
N GLU A 342 -0.20 -18.09 -10.65
CA GLU A 342 -0.51 -19.10 -9.64
C GLU A 342 -1.95 -19.56 -9.77
N LEU A 343 -2.87 -18.63 -9.85
CA LEU A 343 -4.28 -19.01 -9.84
C LEU A 343 -4.72 -19.77 -11.12
N ASP A 344 -4.08 -19.47 -12.24
CA ASP A 344 -4.47 -20.00 -13.54
C ASP A 344 -3.54 -21.11 -13.99
N GLY A 345 -2.58 -21.47 -13.14
CA GLY A 345 -1.65 -22.55 -13.45
C GLY A 345 -0.74 -22.31 -14.64
N ILE A 346 -0.38 -21.05 -14.91
CA ILE A 346 0.64 -20.74 -15.92
C ILE A 346 2.04 -20.62 -15.31
N LYS A 347 2.74 -21.73 -15.14
CA LYS A 347 4.08 -21.68 -14.54
C LYS A 347 4.99 -20.65 -15.23
N GLU A 348 4.80 -20.42 -16.54
CA GLU A 348 5.72 -19.53 -17.26
C GLU A 348 5.53 -18.07 -16.80
N LEU A 349 4.31 -17.76 -16.39
CA LEU A 349 3.99 -16.43 -15.90
C LEU A 349 4.61 -16.22 -14.53
N VAL A 350 4.46 -17.18 -13.62
CA VAL A 350 5.14 -17.01 -12.34
C VAL A 350 6.66 -17.02 -12.48
N ASP A 351 7.26 -17.88 -13.29
CA ASP A 351 8.72 -17.81 -13.37
C ASP A 351 9.14 -16.50 -14.04
N PHE A 352 8.29 -15.99 -14.92
CA PHE A 352 8.63 -14.72 -15.59
C PHE A 352 8.75 -13.62 -14.52
N ALA A 353 7.68 -13.54 -13.72
CA ALA A 353 7.57 -12.58 -12.67
C ALA A 353 8.68 -12.74 -11.68
N THR A 354 8.93 -13.98 -11.24
CA THR A 354 10.00 -14.09 -10.27
C THR A 354 11.32 -13.69 -10.87
N LYS A 355 11.63 -14.15 -12.10
CA LYS A 355 12.86 -13.70 -12.80
C LYS A 355 12.94 -12.17 -12.96
N LEU A 356 11.82 -11.53 -13.35
CA LEU A 356 11.87 -10.07 -13.54
C LEU A 356 12.19 -9.36 -12.25
N GLU A 357 11.59 -9.83 -11.13
CA GLU A 357 11.94 -9.33 -9.82
C GLU A 357 13.42 -9.47 -9.52
N GLN A 358 14.02 -10.64 -9.74
CA GLN A 358 15.49 -10.80 -9.51
C GLN A 358 16.38 -9.99 -10.43
N ALA A 359 16.00 -9.82 -11.69
CA ALA A 359 16.79 -8.94 -12.57
C ALA A 359 16.87 -7.50 -11.99
N SER A 360 15.72 -7.01 -11.56
CA SER A 360 15.59 -5.67 -11.00
C SER A 360 16.53 -5.43 -9.82
N VAL A 361 16.36 -6.23 -8.77
CA VAL A 361 17.21 -6.20 -7.59
C VAL A 361 18.64 -6.34 -8.03
N GLN A 362 18.89 -7.36 -8.85
CA GLN A 362 20.23 -7.59 -9.32
C GLN A 362 20.86 -6.36 -10.02
N THR A 363 20.03 -5.64 -10.74
CA THR A 363 20.55 -4.47 -11.48
C THR A 363 21.11 -3.50 -10.47
N ILE A 364 20.30 -3.08 -9.52
CA ILE A 364 20.80 -2.26 -8.43
C ILE A 364 21.99 -2.91 -7.70
N GLU A 365 21.94 -4.21 -7.38
CA GLU A 365 23.13 -4.83 -6.75
C GLU A 365 24.38 -4.48 -7.57
N ASN A 366 24.28 -4.53 -8.88
CA ASN A 366 25.43 -4.23 -9.73
C ASN A 366 25.81 -2.80 -9.82
N GLY A 367 25.11 -1.92 -9.11
CA GLY A 367 25.51 -0.52 -9.13
C GLY A 367 24.82 0.34 -10.16
N VAL A 368 23.74 -0.12 -10.78
CA VAL A 368 22.96 0.82 -11.59
C VAL A 368 21.59 1.06 -11.01
N MET A 369 21.25 2.33 -10.76
CA MET A 369 20.13 2.65 -9.89
C MET A 369 19.76 4.09 -10.12
N THR A 370 18.60 4.51 -9.62
CA THR A 370 18.16 5.91 -9.77
C THR A 370 18.68 6.75 -8.59
N LYS A 371 18.58 8.08 -8.68
CA LYS A 371 19.20 9.01 -7.69
C LYS A 371 18.85 8.66 -6.28
N ASP A 372 17.62 8.24 -6.03
CA ASP A 372 17.18 8.04 -4.66
C ASP A 372 18.03 6.95 -3.96
N LEU A 373 18.67 6.08 -4.70
CA LEU A 373 19.48 5.06 -4.02
C LEU A 373 20.97 5.40 -4.01
N ALA A 374 21.38 6.25 -4.93
CA ALA A 374 22.76 6.59 -5.10
C ALA A 374 23.52 6.69 -3.78
N SER A 375 22.93 7.30 -2.78
CA SER A 375 23.74 7.54 -1.61
C SER A 375 23.61 6.45 -0.54
N LEU A 376 22.92 5.36 -0.82
CA LEU A 376 22.83 4.28 0.16
C LEU A 376 23.67 3.09 -0.31
N SER A 377 24.18 3.16 -1.53
CA SER A 377 24.82 2.00 -2.10
C SER A 377 26.29 1.81 -1.66
N GLU A 378 26.62 0.62 -1.17
CA GLU A 378 28.02 0.26 -0.93
C GLU A 378 28.75 -0.16 -2.21
N VAL A 379 28.11 -0.07 -3.36
CA VAL A 379 28.81 -0.44 -4.58
C VAL A 379 29.86 0.62 -4.97
N PRO A 380 31.15 0.23 -4.95
CA PRO A 380 32.23 1.10 -5.40
C PRO A 380 31.87 1.87 -6.67
N GLU A 381 31.76 1.16 -7.80
CA GLU A 381 31.53 1.80 -9.08
C GLU A 381 30.05 1.78 -9.38
N LYS A 382 29.50 2.98 -9.58
CA LYS A 382 28.08 3.21 -9.47
C LYS A 382 27.63 3.94 -10.71
N LYS A 383 26.41 3.68 -11.13
CA LYS A 383 25.95 4.27 -12.36
C LYS A 383 24.52 4.73 -12.13
N ILE A 384 24.40 6.03 -11.86
CA ILE A 384 23.13 6.67 -11.59
C ILE A 384 22.50 7.00 -12.91
N VAL A 385 21.29 6.50 -13.12
CA VAL A 385 20.66 6.63 -14.42
C VAL A 385 19.35 7.41 -14.32
N ASN A 386 18.88 7.95 -15.42
CA ASN A 386 17.55 8.54 -15.49
C ASN A 386 16.45 7.46 -15.44
N THR A 387 15.20 7.89 -15.42
CA THR A 387 14.05 7.01 -15.29
C THR A 387 14.00 5.93 -16.36
N GLU A 388 14.00 6.29 -17.64
CA GLU A 388 14.08 5.34 -18.76
C GLU A 388 15.33 4.44 -18.64
N ASP A 389 16.50 5.01 -18.41
CA ASP A 389 17.66 4.14 -18.48
C ASP A 389 17.62 3.06 -17.41
N PHE A 390 17.11 3.39 -16.23
CA PHE A 390 16.99 2.37 -15.23
C PHE A 390 16.27 1.15 -15.81
N LEU A 391 15.15 1.40 -16.49
CA LEU A 391 14.36 0.35 -17.10
C LEU A 391 15.13 -0.37 -18.21
N LYS A 392 15.94 0.33 -19.01
CA LYS A 392 16.59 -0.36 -20.10
C LYS A 392 17.62 -1.30 -19.50
N GLU A 393 18.21 -0.84 -18.41
CA GLU A 393 19.27 -1.54 -17.73
C GLU A 393 18.73 -2.82 -17.00
N ILE A 394 17.62 -2.69 -16.29
CA ILE A 394 16.91 -3.87 -15.80
C ILE A 394 16.61 -4.82 -16.96
N ARG A 395 16.17 -4.28 -18.09
CA ARG A 395 15.87 -5.17 -19.22
C ARG A 395 17.13 -5.94 -19.64
N LYS A 396 18.24 -5.23 -19.71
CA LYS A 396 19.46 -5.89 -20.05
C LYS A 396 19.70 -7.03 -19.07
N THR A 397 19.64 -6.75 -17.77
CA THR A 397 20.09 -7.81 -16.88
C THR A 397 19.12 -9.02 -16.91
N PHE A 398 17.88 -8.74 -17.23
CA PHE A 398 16.86 -9.74 -17.25
C PHE A 398 17.02 -10.65 -18.47
N GLU A 399 17.14 -10.02 -19.63
CA GLU A 399 17.32 -10.77 -20.85
C GLU A 399 18.51 -11.71 -20.78
N GLY A 400 19.55 -11.29 -20.10
CA GLY A 400 20.75 -12.07 -20.01
C GLY A 400 20.57 -13.24 -19.05
N MET A 401 19.53 -13.22 -18.23
CA MET A 401 19.38 -14.35 -17.32
C MET A 401 18.10 -15.11 -17.53
N ALA A 402 17.33 -14.73 -18.55
CA ALA A 402 16.01 -15.32 -18.78
C ALA A 402 15.94 -16.15 -20.06
#